data_1EQX
#
_entry.id   1EQX
#
_cell.length_a   1.000
_cell.length_b   1.000
_cell.length_c   1.000
_cell.angle_alpha   90.00
_cell.angle_beta   90.00
_cell.angle_gamma   90.00
#
_symmetry.space_group_name_H-M   'P 1'
#
_entity_poly.entity_id   1
_entity_poly.type   'polypeptide(L)'
_entity_poly.pdbx_seq_one_letter_code
;IPESSELTLQELLGEERR
;
_entity_poly.pdbx_strand_id   A
#
# COMPACT_ATOMS: atom_id res chain seq x y z
N ILE A 1 -11.47 2.40 -0.58
CA ILE A 1 -11.93 2.40 0.84
C ILE A 1 -10.90 3.08 1.76
N PRO A 2 -11.36 3.90 2.72
CA PRO A 2 -10.48 4.61 3.65
C PRO A 2 -9.97 3.72 4.79
N GLU A 3 -9.53 2.51 4.45
CA GLU A 3 -9.03 1.56 5.45
C GLU A 3 -7.60 1.89 5.88
N SER A 4 -6.87 2.61 5.02
CA SER A 4 -5.47 3.01 5.23
C SER A 4 -4.52 1.80 5.17
N SER A 5 -4.93 0.66 5.72
CA SER A 5 -4.11 -0.55 5.70
C SER A 5 -3.89 -1.04 4.28
N GLU A 6 -4.98 -1.12 3.50
CA GLU A 6 -4.89 -1.55 2.11
C GLU A 6 -4.00 -0.57 1.33
N LEU A 7 -4.17 0.72 1.63
CA LEU A 7 -3.40 1.77 1.00
C LEU A 7 -1.92 1.64 1.36
N THR A 8 -1.63 1.46 2.66
CA THR A 8 -0.25 1.31 3.11
C THR A 8 0.37 0.02 2.58
N LEU A 9 -0.39 -1.07 2.61
CA LEU A 9 0.09 -2.36 2.10
C LEU A 9 0.43 -2.24 0.62
N GLN A 10 -0.49 -1.69 -0.17
CA GLN A 10 -0.27 -1.50 -1.61
C GLN A 10 0.90 -0.53 -1.84
N GLU A 11 1.00 0.49 -0.99
CA GLU A 11 2.07 1.48 -1.06
C GLU A 11 3.43 0.85 -0.83
N LEU A 12 3.55 0.07 0.25
CA LEU A 12 4.80 -0.63 0.57
C LEU A 12 5.16 -1.58 -0.56
N LEU A 13 4.20 -2.43 -0.95
CA LEU A 13 4.41 -3.38 -2.05
C LEU A 13 4.29 -2.68 -3.40
N GLY A 14 4.68 -1.42 -3.43
CA GLY A 14 4.65 -0.63 -4.64
C GLY A 14 6.00 0.04 -4.89
N GLU A 15 6.45 0.86 -3.94
CA GLU A 15 7.74 1.52 -4.08
C GLU A 15 8.90 0.59 -3.70
N GLU A 16 8.71 -0.24 -2.67
CA GLU A 16 9.76 -1.19 -2.25
C GLU A 16 10.06 -2.18 -3.38
N ARG A 17 9.01 -2.66 -4.03
CA ARG A 17 9.15 -3.60 -5.14
C ARG A 17 8.86 -2.89 -6.46
N ARG A 18 9.35 -1.66 -6.58
CA ARG A 18 9.14 -0.83 -7.77
C ARG A 18 9.98 -1.32 -8.97
N ILE A 1 -10.96 1.26 9.86
CA ILE A 1 -9.85 0.89 8.95
C ILE A 1 -9.70 1.93 7.83
N PRO A 2 -8.49 2.51 7.66
CA PRO A 2 -8.23 3.51 6.63
C PRO A 2 -7.97 2.88 5.26
N GLU A 3 -8.94 3.00 4.36
CA GLU A 3 -8.84 2.45 3.02
C GLU A 3 -7.63 3.01 2.27
N SER A 4 -7.44 4.31 2.35
CA SER A 4 -6.32 4.98 1.68
C SER A 4 -4.97 4.45 2.20
N SER A 5 -4.91 4.19 3.49
CA SER A 5 -3.68 3.66 4.10
C SER A 5 -3.36 2.27 3.60
N GLU A 6 -4.30 1.35 3.74
CA GLU A 6 -4.10 -0.02 3.29
C GLU A 6 -3.87 -0.07 1.78
N LEU A 7 -4.54 0.83 1.07
CA LEU A 7 -4.39 0.92 -0.38
C LEU A 7 -2.98 1.39 -0.73
N THR A 8 -2.51 2.44 -0.03
CA THR A 8 -1.15 2.95 -0.28
C THR A 8 -0.10 1.96 0.23
N LEU A 9 -0.39 1.34 1.38
CA LEU A 9 0.51 0.35 1.97
C LEU A 9 0.76 -0.80 0.99
N GLN A 10 -0.31 -1.33 0.42
CA GLN A 10 -0.21 -2.41 -0.55
C GLN A 10 0.58 -1.96 -1.78
N GLU A 11 0.34 -0.71 -2.17
CA GLU A 11 1.02 -0.11 -3.32
C GLU A 11 2.53 -0.01 -3.08
N LEU A 12 2.91 0.54 -1.93
CA LEU A 12 4.32 0.68 -1.56
C LEU A 12 4.98 -0.69 -1.41
N LEU A 13 4.37 -1.55 -0.60
CA LEU A 13 4.90 -2.90 -0.38
C LEU A 13 4.38 -3.88 -1.43
N GLY A 14 4.26 -3.41 -2.68
CA GLY A 14 3.78 -4.26 -3.74
C GLY A 14 4.49 -4.03 -5.07
N GLU A 15 4.47 -2.79 -5.55
CA GLU A 15 5.11 -2.47 -6.84
C GLU A 15 6.58 -2.07 -6.65
N GLU A 16 6.84 -1.15 -5.73
CA GLU A 16 8.21 -0.70 -5.47
C GLU A 16 9.06 -1.87 -4.95
N ARG A 17 8.46 -2.70 -4.11
CA ARG A 17 9.14 -3.87 -3.56
C ARG A 17 8.68 -5.13 -4.28
N ARG A 18 8.48 -5.01 -5.60
CA ARG A 18 8.01 -6.12 -6.42
C ARG A 18 9.10 -7.17 -6.68
N ILE A 1 -12.98 5.08 5.39
CA ILE A 1 -11.97 4.34 4.58
C ILE A 1 -10.56 4.51 5.17
N PRO A 2 -9.81 3.40 5.31
CA PRO A 2 -8.45 3.42 5.87
C PRO A 2 -7.41 4.07 4.94
N GLU A 3 -7.54 5.37 4.72
CA GLU A 3 -6.63 6.12 3.85
C GLU A 3 -5.22 6.28 4.45
N SER A 4 -4.61 5.16 4.80
CA SER A 4 -3.26 5.15 5.39
C SER A 4 -2.70 3.72 5.43
N SER A 5 -3.44 2.81 6.04
CA SER A 5 -3.01 1.42 6.15
C SER A 5 -3.15 0.71 4.80
N GLU A 6 -4.32 0.87 4.18
CA GLU A 6 -4.60 0.25 2.89
C GLU A 6 -3.62 0.80 1.84
N LEU A 7 -3.43 2.11 1.89
CA LEU A 7 -2.51 2.80 0.97
C LEU A 7 -1.08 2.31 1.15
N THR A 8 -0.60 2.24 2.39
CA THR A 8 0.77 1.77 2.64
C THR A 8 0.91 0.29 2.27
N LEU A 9 -0.07 -0.52 2.67
CA LEU A 9 -0.05 -1.95 2.34
C LEU A 9 0.03 -2.16 0.83
N GLN A 10 -0.80 -1.41 0.09
CA GLN A 10 -0.82 -1.49 -1.37
C GLN A 10 0.53 -1.06 -1.95
N GLU A 11 1.14 -0.04 -1.34
CA GLU A 11 2.44 0.45 -1.78
C GLU A 11 3.52 -0.61 -1.54
N LEU A 12 3.50 -1.21 -0.34
CA LEU A 12 4.45 -2.25 0.01
C LEU A 12 4.33 -3.45 -0.92
N LEU A 13 3.16 -4.06 -0.96
CA LEU A 13 2.91 -5.22 -1.82
C LEU A 13 2.44 -4.80 -3.21
N GLY A 14 3.08 -3.77 -3.76
CA GLY A 14 2.72 -3.29 -5.08
C GLY A 14 3.82 -2.51 -5.77
N GLU A 15 4.34 -1.48 -5.09
CA GLU A 15 5.41 -0.66 -5.67
C GLU A 15 6.76 -0.90 -4.98
N GLU A 16 6.77 -1.01 -3.66
CA GLU A 16 8.00 -1.24 -2.93
C GLU A 16 8.53 -2.65 -3.25
N ARG A 17 7.67 -3.64 -3.08
CA ARG A 17 8.03 -5.01 -3.39
C ARG A 17 7.32 -5.45 -4.68
N ARG A 18 7.74 -4.89 -5.80
CA ARG A 18 7.15 -5.23 -7.11
C ARG A 18 7.37 -6.72 -7.43
N ILE A 1 -12.36 8.33 4.38
CA ILE A 1 -12.16 6.95 4.89
C ILE A 1 -10.75 6.45 4.55
N PRO A 2 -10.03 5.89 5.54
CA PRO A 2 -8.68 5.40 5.33
C PRO A 2 -8.67 4.08 4.55
N GLU A 3 -7.83 4.03 3.51
CA GLU A 3 -7.72 2.84 2.67
C GLU A 3 -7.28 1.63 3.47
N SER A 4 -6.36 1.86 4.43
CA SER A 4 -5.81 0.82 5.31
C SER A 4 -5.23 -0.37 4.52
N SER A 5 -6.06 -1.36 4.23
CA SER A 5 -5.63 -2.53 3.47
C SER A 5 -5.16 -2.17 2.06
N GLU A 6 -6.01 -1.47 1.34
CA GLU A 6 -5.68 -1.05 -0.02
C GLU A 6 -4.48 -0.12 -0.01
N LEU A 7 -4.41 0.72 1.02
CA LEU A 7 -3.29 1.64 1.19
C LEU A 7 -2.00 0.88 1.46
N THR A 8 -2.07 -0.05 2.42
CA THR A 8 -0.88 -0.86 2.77
C THR A 8 -0.45 -1.73 1.59
N LEU A 9 -1.41 -2.27 0.85
CA LEU A 9 -1.12 -3.11 -0.31
C LEU A 9 -0.30 -2.32 -1.34
N GLN A 10 -0.73 -1.11 -1.65
CA GLN A 10 -0.04 -0.26 -2.61
C GLN A 10 1.34 0.15 -2.08
N GLU A 11 1.42 0.43 -0.78
CA GLU A 11 2.68 0.82 -0.14
C GLU A 11 3.71 -0.31 -0.18
N LEU A 12 3.30 -1.50 0.28
CA LEU A 12 4.18 -2.66 0.29
C LEU A 12 4.66 -2.95 -1.13
N LEU A 13 3.71 -3.15 -2.04
CA LEU A 13 4.04 -3.40 -3.45
C LEU A 13 4.26 -2.08 -4.20
N GLY A 14 4.96 -1.17 -3.55
CA GLY A 14 5.24 0.12 -4.15
C GLY A 14 6.60 0.66 -3.76
N GLU A 15 6.84 0.83 -2.46
CA GLU A 15 8.13 1.35 -2.00
C GLU A 15 8.94 0.28 -1.26
N GLU A 16 8.29 -0.50 -0.39
CA GLU A 16 8.98 -1.55 0.35
C GLU A 16 9.53 -2.59 -0.63
N ARG A 17 8.64 -3.14 -1.45
CA ARG A 17 9.03 -4.13 -2.45
C ARG A 17 9.72 -3.46 -3.65
N ARG A 18 9.24 -2.26 -4.00
CA ARG A 18 9.75 -1.48 -5.14
C ARG A 18 9.30 -2.13 -6.46
N ILE A 1 -15.01 -0.24 -1.55
CA ILE A 1 -14.53 0.13 -0.20
C ILE A 1 -13.39 1.14 -0.30
N PRO A 2 -13.43 2.22 0.51
CA PRO A 2 -12.37 3.25 0.51
C PRO A 2 -11.07 2.79 1.15
N GLU A 3 -10.51 1.70 0.62
CA GLU A 3 -9.26 1.11 1.14
C GLU A 3 -8.03 1.97 0.81
N SER A 4 -8.10 3.27 1.09
CA SER A 4 -7.00 4.19 0.83
C SER A 4 -5.79 3.86 1.71
N SER A 5 -6.04 3.65 2.99
CA SER A 5 -4.98 3.30 3.94
C SER A 5 -4.31 2.01 3.52
N GLU A 6 -5.13 0.99 3.24
CA GLU A 6 -4.64 -0.30 2.79
C GLU A 6 -3.77 -0.13 1.54
N LEU A 7 -4.25 0.70 0.62
CA LEU A 7 -3.52 0.99 -0.62
C LEU A 7 -2.17 1.68 -0.34
N THR A 8 -2.13 2.63 0.60
CA THR A 8 -0.88 3.32 0.91
C THR A 8 0.18 2.36 1.43
N LEU A 9 -0.22 1.49 2.37
CA LEU A 9 0.70 0.50 2.94
C LEU A 9 1.12 -0.49 1.86
N GLN A 10 0.12 -0.96 1.11
CA GLN A 10 0.35 -1.90 0.02
C GLN A 10 1.31 -1.31 -1.02
N GLU A 11 1.14 -0.03 -1.32
CA GLU A 11 2.00 0.67 -2.29
C GLU A 11 3.44 0.72 -1.76
N LEU A 12 3.59 1.14 -0.50
CA LEU A 12 4.90 1.23 0.14
C LEU A 12 5.56 -0.14 0.20
N LEU A 13 4.82 -1.14 0.70
CA LEU A 13 5.36 -2.50 0.79
C LEU A 13 5.77 -3.02 -0.58
N GLY A 14 4.91 -2.80 -1.57
CA GLY A 14 5.20 -3.23 -2.93
C GLY A 14 6.45 -2.57 -3.47
N GLU A 15 6.52 -1.25 -3.37
CA GLU A 15 7.69 -0.50 -3.85
C GLU A 15 8.95 -0.88 -3.07
N GLU A 16 8.82 -1.08 -1.76
CA GLU A 16 9.96 -1.46 -0.93
C GLU A 16 10.44 -2.87 -1.26
N ARG A 17 9.51 -3.78 -1.55
CA ARG A 17 9.85 -5.16 -1.89
C ARG A 17 10.35 -5.31 -3.34
N ARG A 18 9.46 -5.08 -4.30
CA ARG A 18 9.77 -5.18 -5.73
C ARG A 18 10.40 -6.53 -6.11
N ILE A 1 -12.08 4.11 9.04
CA ILE A 1 -10.79 4.70 8.62
C ILE A 1 -10.63 4.64 7.10
N PRO A 2 -9.94 5.62 6.49
CA PRO A 2 -9.73 5.65 5.05
C PRO A 2 -8.80 4.53 4.57
N GLU A 3 -9.32 3.67 3.70
CA GLU A 3 -8.55 2.53 3.16
C GLU A 3 -7.34 3.00 2.34
N SER A 4 -7.33 4.27 1.97
CA SER A 4 -6.23 4.86 1.19
C SER A 4 -4.87 4.57 1.82
N SER A 5 -4.80 4.53 3.14
CA SER A 5 -3.55 4.25 3.83
C SER A 5 -3.10 2.82 3.57
N GLU A 6 -3.96 1.85 3.85
CA GLU A 6 -3.66 0.44 3.63
C GLU A 6 -3.37 0.18 2.16
N LEU A 7 -4.19 0.76 1.29
CA LEU A 7 -4.03 0.62 -0.16
C LEU A 7 -2.68 1.16 -0.62
N THR A 8 -2.28 2.34 -0.14
CA THR A 8 -0.99 2.91 -0.52
C THR A 8 0.17 2.14 0.10
N LEU A 9 0.07 1.84 1.39
CA LEU A 9 1.10 1.08 2.09
C LEU A 9 1.32 -0.29 1.46
N GLN A 10 0.22 -1.00 1.19
CA GLN A 10 0.27 -2.32 0.58
C GLN A 10 0.90 -2.26 -0.82
N GLU A 11 0.55 -1.24 -1.58
CA GLU A 11 1.08 -1.05 -2.93
C GLU A 11 2.59 -0.77 -2.87
N LEU A 12 2.98 0.17 -2.01
CA LEU A 12 4.40 0.52 -1.85
C LEU A 12 5.20 -0.70 -1.36
N LEU A 13 4.72 -1.35 -0.30
CA LEU A 13 5.38 -2.53 0.23
C LEU A 13 4.92 -3.79 -0.50
N GLY A 14 4.74 -3.66 -1.81
CA GLY A 14 4.32 -4.77 -2.64
C GLY A 14 4.87 -4.67 -4.05
N GLU A 15 4.57 -3.56 -4.73
CA GLU A 15 5.05 -3.33 -6.10
C GLU A 15 6.58 -3.19 -6.12
N GLU A 16 7.11 -2.49 -5.12
CA GLU A 16 8.55 -2.27 -5.00
C GLU A 16 9.28 -3.55 -4.57
N ARG A 17 8.51 -4.59 -4.26
CA ARG A 17 9.11 -5.86 -3.82
C ARG A 17 8.51 -7.06 -4.57
N ARG A 18 8.37 -6.92 -5.88
CA ARG A 18 7.84 -8.01 -6.72
C ARG A 18 8.60 -8.10 -8.03
N ILE A 1 -10.09 7.80 9.97
CA ILE A 1 -9.61 6.47 9.51
C ILE A 1 -9.40 6.49 7.99
N PRO A 2 -8.23 6.05 7.51
CA PRO A 2 -7.94 6.03 6.07
C PRO A 2 -8.49 4.79 5.36
N GLU A 3 -9.52 5.00 4.52
CA GLU A 3 -10.13 3.89 3.77
C GLU A 3 -9.14 3.26 2.80
N SER A 4 -8.26 4.06 2.23
CA SER A 4 -7.24 3.57 1.29
C SER A 4 -6.11 2.81 2.00
N SER A 5 -6.46 2.03 3.01
CA SER A 5 -5.46 1.25 3.74
C SER A 5 -4.97 0.09 2.88
N GLU A 6 -5.90 -0.64 2.28
CA GLU A 6 -5.56 -1.77 1.41
C GLU A 6 -4.77 -1.28 0.19
N LEU A 7 -5.21 -0.15 -0.36
CA LEU A 7 -4.55 0.44 -1.53
C LEU A 7 -3.11 0.83 -1.20
N THR A 8 -2.90 1.46 -0.05
CA THR A 8 -1.54 1.86 0.35
C THR A 8 -0.71 0.65 0.74
N LEU A 9 -1.29 -0.26 1.52
CA LEU A 9 -0.60 -1.48 1.95
C LEU A 9 -0.19 -2.35 0.76
N GLN A 10 -1.12 -2.54 -0.17
CA GLN A 10 -0.86 -3.35 -1.37
C GLN A 10 0.30 -2.76 -2.18
N GLU A 11 0.31 -1.44 -2.33
CA GLU A 11 1.37 -0.75 -3.08
C GLU A 11 2.69 -0.77 -2.31
N LEU A 12 2.61 -0.50 -1.00
CA LEU A 12 3.79 -0.50 -0.14
C LEU A 12 4.57 -1.82 -0.27
N LEU A 13 3.85 -2.94 -0.14
CA LEU A 13 4.48 -4.25 -0.27
C LEU A 13 4.43 -4.75 -1.72
N GLY A 14 4.77 -3.87 -2.66
CA GLY A 14 4.75 -4.23 -4.06
C GLY A 14 5.57 -3.28 -4.94
N GLU A 15 5.28 -1.99 -4.86
CA GLU A 15 6.00 -1.00 -5.66
C GLU A 15 7.41 -0.78 -5.12
N GLU A 16 7.56 -0.84 -3.80
CA GLU A 16 8.87 -0.68 -3.18
C GLU A 16 9.72 -1.92 -3.44
N ARG A 17 9.10 -3.10 -3.34
CA ARG A 17 9.79 -4.37 -3.56
C ARG A 17 9.84 -4.78 -5.05
N ARG A 18 10.24 -3.85 -5.93
CA ARG A 18 10.34 -4.16 -7.36
C ARG A 18 11.62 -4.94 -7.68
N ILE A 1 -12.61 -0.08 8.65
CA ILE A 1 -11.20 0.38 8.59
C ILE A 1 -11.05 1.58 7.66
N PRO A 2 -10.34 2.63 8.10
CA PRO A 2 -10.14 3.83 7.27
C PRO A 2 -9.25 3.57 6.06
N GLU A 3 -9.77 3.84 4.88
CA GLU A 3 -9.03 3.63 3.62
C GLU A 3 -7.72 4.41 3.63
N SER A 4 -6.65 3.73 4.07
CA SER A 4 -5.32 4.33 4.16
C SER A 4 -4.24 3.27 4.22
N SER A 5 -4.38 2.32 5.14
CA SER A 5 -3.41 1.23 5.28
C SER A 5 -3.46 0.34 4.05
N GLU A 6 -4.66 0.13 3.54
CA GLU A 6 -4.90 -0.68 2.35
C GLU A 6 -4.15 -0.10 1.14
N LEU A 7 -4.28 1.20 0.96
CA LEU A 7 -3.62 1.90 -0.13
C LEU A 7 -2.10 1.98 0.08
N THR A 8 -1.69 2.26 1.31
CA THR A 8 -0.25 2.37 1.63
C THR A 8 0.49 1.04 1.45
N LEU A 9 -0.12 -0.07 1.91
CA LEU A 9 0.54 -1.37 1.77
C LEU A 9 0.71 -1.75 0.29
N GLN A 10 -0.25 -1.36 -0.54
CA GLN A 10 -0.21 -1.64 -1.97
C GLN A 10 0.95 -0.90 -2.64
N GLU A 11 1.17 0.34 -2.22
CA GLU A 11 2.26 1.15 -2.77
C GLU A 11 3.61 0.52 -2.39
N LEU A 12 3.75 0.15 -1.12
CA LEU A 12 4.97 -0.49 -0.64
C LEU A 12 5.18 -1.84 -1.31
N LEU A 13 4.21 -2.73 -1.19
CA LEU A 13 4.30 -4.06 -1.79
C LEU A 13 3.75 -4.06 -3.22
N GLY A 14 4.07 -3.01 -3.96
CA GLY A 14 3.62 -2.89 -5.34
C GLY A 14 4.64 -2.23 -6.23
N GLU A 15 5.11 -1.05 -5.83
CA GLU A 15 6.11 -0.33 -6.61
C GLU A 15 7.48 -0.42 -5.93
N GLU A 16 7.51 -0.15 -4.62
CA GLU A 16 8.75 -0.22 -3.85
C GLU A 16 9.26 -1.67 -3.74
N ARG A 17 8.40 -2.55 -3.24
CA ARG A 17 8.75 -3.96 -3.09
C ARG A 17 8.18 -4.81 -4.23
N ARG A 18 8.56 -4.47 -5.46
CA ARG A 18 8.09 -5.23 -6.63
C ARG A 18 9.16 -6.22 -7.11
N ILE A 1 -11.79 4.14 5.71
CA ILE A 1 -10.40 3.69 5.44
C ILE A 1 -9.42 4.88 5.52
N PRO A 2 -8.23 4.67 6.09
CA PRO A 2 -7.21 5.73 6.22
C PRO A 2 -6.66 6.19 4.87
N GLU A 3 -6.81 7.48 4.59
CA GLU A 3 -6.33 8.07 3.32
C GLU A 3 -4.80 8.20 3.29
N SER A 4 -4.11 7.10 3.58
CA SER A 4 -2.64 7.07 3.59
C SER A 4 -2.13 5.65 3.77
N SER A 5 -2.62 4.97 4.80
CA SER A 5 -2.22 3.60 5.10
C SER A 5 -2.57 2.66 3.95
N GLU A 6 -3.77 2.83 3.39
CA GLU A 6 -4.22 2.01 2.27
C GLU A 6 -3.29 2.16 1.08
N LEU A 7 -2.92 3.41 0.79
CA LEU A 7 -2.01 3.72 -0.30
C LEU A 7 -0.64 3.11 -0.08
N THR A 8 -0.08 3.25 1.12
CA THR A 8 1.23 2.68 1.42
C THR A 8 1.18 1.15 1.41
N LEU A 9 0.19 0.58 2.09
CA LEU A 9 0.02 -0.87 2.14
C LEU A 9 -0.13 -1.46 0.73
N GLN A 10 -0.97 -0.82 -0.08
CA GLN A 10 -1.19 -1.27 -1.46
C GLN A 10 0.12 -1.35 -2.24
N GLU A 11 0.99 -0.36 -2.03
CA GLU A 11 2.29 -0.34 -2.71
C GLU A 11 3.24 -1.39 -2.13
N LEU A 12 3.30 -1.45 -0.80
CA LEU A 12 4.18 -2.41 -0.13
C LEU A 12 3.81 -3.86 -0.51
N LEU A 13 2.54 -4.22 -0.34
CA LEU A 13 2.07 -5.55 -0.68
C LEU A 13 1.43 -5.59 -2.06
N GLY A 14 2.12 -5.02 -3.04
CA GLY A 14 1.59 -4.98 -4.40
C GLY A 14 2.64 -4.60 -5.43
N GLU A 15 3.43 -3.58 -5.12
CA GLU A 15 4.48 -3.11 -6.02
C GLU A 15 5.88 -3.47 -5.48
N GLU A 16 6.10 -3.17 -4.21
CA GLU A 16 7.41 -3.45 -3.58
C GLU A 16 7.71 -4.96 -3.49
N ARG A 17 6.71 -5.76 -3.12
CA ARG A 17 6.91 -7.22 -2.97
C ARG A 17 6.32 -8.02 -4.13
N ARG A 18 5.03 -7.80 -4.43
CA ARG A 18 4.31 -8.54 -5.48
C ARG A 18 4.10 -10.01 -5.07
N ILE A 1 -13.10 5.94 4.10
CA ILE A 1 -11.88 5.10 4.20
C ILE A 1 -10.81 5.57 3.23
N PRO A 2 -9.56 5.75 3.69
CA PRO A 2 -8.44 6.21 2.84
C PRO A 2 -7.97 5.12 1.86
N GLU A 3 -8.88 4.64 1.02
CA GLU A 3 -8.60 3.60 0.03
C GLU A 3 -7.32 3.86 -0.76
N SER A 4 -7.23 5.04 -1.33
CA SER A 4 -6.06 5.46 -2.13
C SER A 4 -4.75 5.32 -1.34
N SER A 5 -4.76 5.75 -0.09
CA SER A 5 -3.57 5.68 0.75
C SER A 5 -3.28 4.25 1.23
N GLU A 6 -4.31 3.57 1.72
CA GLU A 6 -4.15 2.20 2.22
C GLU A 6 -3.69 1.27 1.09
N LEU A 7 -4.31 1.40 -0.07
CA LEU A 7 -3.94 0.57 -1.23
C LEU A 7 -2.51 0.85 -1.69
N THR A 8 -2.13 2.14 -1.77
CA THR A 8 -0.77 2.47 -2.19
C THR A 8 0.25 2.02 -1.15
N LEU A 9 -0.08 2.21 0.13
CA LEU A 9 0.80 1.78 1.22
C LEU A 9 1.03 0.27 1.15
N GLN A 10 -0.06 -0.47 0.96
CA GLN A 10 0.00 -1.93 0.84
C GLN A 10 0.87 -2.33 -0.37
N GLU A 11 0.66 -1.64 -1.49
CA GLU A 11 1.40 -1.89 -2.71
C GLU A 11 2.89 -1.61 -2.52
N LEU A 12 3.21 -0.44 -1.95
CA LEU A 12 4.60 -0.06 -1.71
C LEU A 12 5.27 -1.06 -0.75
N LEU A 13 4.59 -1.36 0.36
CA LEU A 13 5.11 -2.30 1.34
C LEU A 13 5.40 -3.67 0.72
N GLY A 14 4.45 -4.15 -0.08
CA GLY A 14 4.58 -5.44 -0.73
C GLY A 14 5.59 -5.44 -1.87
N GLU A 15 5.57 -4.41 -2.71
CA GLU A 15 6.49 -4.32 -3.85
C GLU A 15 7.94 -4.18 -3.38
N GLU A 16 8.15 -3.37 -2.34
CA GLU A 16 9.49 -3.18 -1.80
C GLU A 16 9.97 -4.42 -1.06
N ARG A 17 9.09 -5.04 -0.27
CA ARG A 17 9.45 -6.23 0.50
C ARG A 17 8.76 -7.49 -0.01
N ARG A 18 9.02 -7.82 -1.28
CA ARG A 18 8.44 -9.03 -1.91
C ARG A 18 8.92 -10.31 -1.21
N ILE A 1 -12.08 -1.86 2.67
CA ILE A 1 -12.17 -0.80 3.70
C ILE A 1 -11.48 0.48 3.22
N PRO A 2 -12.10 1.66 3.43
CA PRO A 2 -11.55 2.96 2.99
C PRO A 2 -10.31 3.42 3.77
N GLU A 3 -9.37 2.51 4.02
CA GLU A 3 -8.15 2.85 4.74
C GLU A 3 -7.10 3.40 3.76
N SER A 4 -7.18 4.69 3.50
CA SER A 4 -6.25 5.37 2.59
C SER A 4 -4.79 5.09 2.94
N SER A 5 -4.48 5.10 4.24
CA SER A 5 -3.12 4.83 4.70
C SER A 5 -2.68 3.41 4.32
N GLU A 6 -3.55 2.44 4.55
CA GLU A 6 -3.25 1.06 4.19
C GLU A 6 -3.13 0.96 2.67
N LEU A 7 -4.11 1.54 1.97
CA LEU A 7 -4.12 1.54 0.51
C LEU A 7 -2.85 2.18 -0.07
N THR A 8 -2.42 3.31 0.50
CA THR A 8 -1.21 3.98 0.02
C THR A 8 0.03 3.17 0.37
N LEU A 9 0.08 2.68 1.62
CA LEU A 9 1.21 1.87 2.07
C LEU A 9 1.31 0.60 1.22
N GLN A 10 0.18 -0.06 1.02
CA GLN A 10 0.10 -1.29 0.23
C GLN A 10 0.65 -1.06 -1.18
N GLU A 11 0.29 0.06 -1.79
CA GLU A 11 0.77 0.40 -3.12
C GLU A 11 2.28 0.55 -3.11
N LEU A 12 2.79 1.25 -2.10
CA LEU A 12 4.24 1.42 -1.93
C LEU A 12 4.90 0.05 -1.77
N LEU A 13 4.30 -0.79 -0.93
CA LEU A 13 4.82 -2.14 -0.71
C LEU A 13 4.78 -2.97 -2.00
N GLY A 14 3.68 -2.84 -2.75
CA GLY A 14 3.55 -3.55 -4.02
C GLY A 14 4.61 -3.10 -5.02
N GLU A 15 4.82 -1.79 -5.09
CA GLU A 15 5.85 -1.22 -5.98
C GLU A 15 7.23 -1.67 -5.51
N GLU A 16 7.39 -1.77 -4.19
CA GLU A 16 8.64 -2.19 -3.57
C GLU A 16 8.89 -3.68 -3.86
N ARG A 17 7.88 -4.51 -3.57
CA ARG A 17 7.99 -5.95 -3.79
C ARG A 17 7.55 -6.35 -5.20
N ARG A 18 8.18 -5.76 -6.22
CA ARG A 18 7.86 -6.07 -7.61
C ARG A 18 8.17 -7.54 -7.97
N ILE A 1 -13.48 7.20 3.63
CA ILE A 1 -13.12 5.87 4.18
C ILE A 1 -11.62 5.80 4.51
N PRO A 2 -11.26 5.44 5.75
CA PRO A 2 -9.86 5.37 6.20
C PRO A 2 -9.08 4.17 5.64
N GLU A 3 -9.05 4.03 4.31
CA GLU A 3 -8.32 2.93 3.66
C GLU A 3 -6.80 3.16 3.68
N SER A 4 -6.27 3.49 4.85
CA SER A 4 -4.84 3.74 5.02
C SER A 4 -4.04 2.44 5.02
N SER A 5 -4.54 1.43 5.72
CA SER A 5 -3.87 0.14 5.81
C SER A 5 -3.83 -0.57 4.47
N GLU A 6 -4.96 -0.55 3.76
CA GLU A 6 -5.04 -1.19 2.45
C GLU A 6 -4.06 -0.53 1.49
N LEU A 7 -3.95 0.79 1.59
CA LEU A 7 -3.04 1.55 0.74
C LEU A 7 -1.59 1.31 1.16
N THR A 8 -1.31 1.41 2.46
CA THR A 8 0.05 1.20 2.96
C THR A 8 0.55 -0.23 2.71
N LEU A 9 -0.26 -1.21 3.09
CA LEU A 9 0.11 -2.61 2.89
C LEU A 9 0.34 -2.93 1.41
N GLN A 10 -0.57 -2.48 0.57
CA GLN A 10 -0.48 -2.71 -0.87
C GLN A 10 0.74 -2.01 -1.47
N GLU A 11 0.99 -0.77 -1.03
CA GLU A 11 2.13 -0.01 -1.55
C GLU A 11 3.46 -0.68 -1.17
N LEU A 12 3.55 -1.20 0.05
CA LEU A 12 4.78 -1.87 0.51
C LEU A 12 5.18 -2.99 -0.45
N LEU A 13 4.19 -3.62 -1.06
CA LEU A 13 4.44 -4.69 -2.03
C LEU A 13 3.98 -4.26 -3.43
N GLY A 14 4.06 -2.96 -3.70
CA GLY A 14 3.66 -2.43 -4.98
C GLY A 14 4.78 -1.69 -5.68
N GLU A 15 4.73 -0.36 -5.63
CA GLU A 15 5.77 0.47 -6.27
C GLU A 15 7.07 0.42 -5.44
N GLU A 16 6.93 0.32 -4.13
CA GLU A 16 8.09 0.26 -3.23
C GLU A 16 8.95 -1.00 -3.47
N ARG A 17 8.35 -2.05 -4.05
CA ARG A 17 9.07 -3.30 -4.31
C ARG A 17 8.85 -3.84 -5.72
N ARG A 18 8.93 -2.99 -6.74
CA ARG A 18 8.76 -3.44 -8.12
C ARG A 18 10.09 -3.50 -8.89
N ILE A 1 -13.82 5.99 4.49
CA ILE A 1 -13.35 4.59 4.67
C ILE A 1 -11.81 4.54 4.70
N PRO A 2 -11.19 3.36 4.95
CA PRO A 2 -9.73 3.23 5.01
C PRO A 2 -9.04 3.45 3.64
N GLU A 3 -9.37 4.56 3.00
CA GLU A 3 -8.82 4.92 1.68
C GLU A 3 -7.28 4.98 1.70
N SER A 4 -6.74 5.71 2.66
CA SER A 4 -5.30 5.87 2.80
C SER A 4 -4.64 4.56 3.24
N SER A 5 -5.28 3.86 4.17
CA SER A 5 -4.74 2.59 4.69
C SER A 5 -4.68 1.51 3.63
N GLU A 6 -5.71 1.41 2.79
CA GLU A 6 -5.75 0.39 1.74
C GLU A 6 -4.50 0.50 0.84
N LEU A 7 -4.11 1.73 0.58
CA LEU A 7 -2.93 2.03 -0.25
C LEU A 7 -1.64 1.51 0.39
N THR A 8 -1.49 1.75 1.71
CA THR A 8 -0.27 1.34 2.43
C THR A 8 0.12 -0.12 2.17
N LEU A 9 -0.87 -1.02 2.24
CA LEU A 9 -0.63 -2.44 2.01
C LEU A 9 -0.03 -2.70 0.61
N GLN A 10 -0.68 -2.13 -0.41
CA GLN A 10 -0.22 -2.30 -1.79
C GLN A 10 1.18 -1.70 -2.00
N GLU A 11 1.43 -0.55 -1.36
CA GLU A 11 2.74 0.11 -1.46
C GLU A 11 3.87 -0.75 -0.87
N LEU A 12 3.64 -1.31 0.31
CA LEU A 12 4.64 -2.16 0.98
C LEU A 12 5.03 -3.33 0.08
N LEU A 13 4.04 -3.96 -0.52
CA LEU A 13 4.27 -5.09 -1.42
C LEU A 13 4.46 -4.63 -2.86
N GLY A 14 5.19 -3.55 -3.05
CA GLY A 14 5.43 -3.02 -4.39
C GLY A 14 6.63 -2.08 -4.46
N GLU A 15 6.64 -1.05 -3.62
CA GLU A 15 7.74 -0.08 -3.62
C GLU A 15 9.04 -0.66 -3.05
N GLU A 16 8.94 -1.34 -1.91
CA GLU A 16 10.11 -1.95 -1.29
C GLU A 16 10.61 -3.15 -2.12
N ARG A 17 9.68 -3.84 -2.76
CA ARG A 17 10.01 -5.00 -3.60
C ARG A 17 10.54 -4.58 -4.98
N ARG A 18 9.82 -3.65 -5.64
CA ARG A 18 10.20 -3.17 -6.98
C ARG A 18 10.21 -4.28 -8.03
N ILE A 1 -14.79 5.44 6.34
CA ILE A 1 -13.35 5.64 6.64
C ILE A 1 -12.51 5.58 5.36
N PRO A 2 -11.45 6.41 5.26
CA PRO A 2 -10.58 6.46 4.07
C PRO A 2 -9.78 5.17 3.85
N GLU A 3 -9.75 4.71 2.60
CA GLU A 3 -9.03 3.48 2.23
C GLU A 3 -7.50 3.69 2.24
N SER A 4 -6.98 4.24 3.34
CA SER A 4 -5.54 4.49 3.47
C SER A 4 -4.73 3.20 3.51
N SER A 5 -5.33 2.14 4.03
CA SER A 5 -4.65 0.84 4.13
C SER A 5 -4.30 0.28 2.76
N GLU A 6 -5.24 0.32 1.82
CA GLU A 6 -5.00 -0.19 0.48
C GLU A 6 -3.85 0.57 -0.19
N LEU A 7 -3.87 1.90 -0.05
CA LEU A 7 -2.83 2.75 -0.61
C LEU A 7 -1.47 2.53 0.09
N THR A 8 -1.49 2.42 1.42
CA THR A 8 -0.24 2.21 2.15
C THR A 8 0.34 0.83 1.85
N LEU A 9 -0.52 -0.18 1.81
CA LEU A 9 -0.10 -1.54 1.50
C LEU A 9 0.49 -1.61 0.09
N GLN A 10 -0.21 -1.01 -0.88
CA GLN A 10 0.26 -0.98 -2.27
C GLN A 10 1.64 -0.32 -2.38
N GLU A 11 1.85 0.76 -1.64
CA GLU A 11 3.16 1.44 -1.66
C GLU A 11 4.25 0.53 -1.09
N LEU A 12 3.95 -0.09 0.05
CA LEU A 12 4.89 -1.01 0.70
C LEU A 12 5.24 -2.16 -0.26
N LEU A 13 4.21 -2.77 -0.84
CA LEU A 13 4.40 -3.87 -1.79
C LEU A 13 5.23 -3.40 -2.98
N GLY A 14 4.95 -2.18 -3.45
CA GLY A 14 5.69 -1.61 -4.56
C GLY A 14 7.16 -1.40 -4.23
N GLU A 15 7.45 -0.95 -3.02
CA GLU A 15 8.82 -0.73 -2.60
C GLU A 15 9.57 -2.05 -2.35
N GLU A 16 8.89 -3.01 -1.73
CA GLU A 16 9.51 -4.31 -1.42
C GLU A 16 9.57 -5.25 -2.65
N ARG A 17 8.55 -5.22 -3.51
CA ARG A 17 8.54 -6.12 -4.66
C ARG A 17 8.41 -5.38 -6.01
N ARG A 18 9.34 -4.46 -6.26
CA ARG A 18 9.34 -3.71 -7.53
C ARG A 18 10.25 -4.38 -8.58
N ILE A 1 -14.89 -1.04 2.32
CA ILE A 1 -14.95 -0.06 3.44
C ILE A 1 -13.68 0.82 3.45
N PRO A 2 -13.48 1.70 4.47
CA PRO A 2 -12.28 2.59 4.53
C PRO A 2 -10.95 1.83 4.71
N GLU A 3 -10.70 0.85 3.85
CA GLU A 3 -9.48 0.04 3.90
C GLU A 3 -8.27 0.81 3.33
N SER A 4 -8.05 2.01 3.86
CA SER A 4 -6.93 2.87 3.41
C SER A 4 -5.57 2.26 3.73
N SER A 5 -5.46 1.61 4.89
CA SER A 5 -4.20 0.98 5.31
C SER A 5 -3.70 -0.03 4.28
N GLU A 6 -4.63 -0.77 3.69
CA GLU A 6 -4.29 -1.74 2.66
C GLU A 6 -3.63 -1.03 1.48
N LEU A 7 -4.28 0.05 1.04
CA LEU A 7 -3.79 0.86 -0.07
C LEU A 7 -2.46 1.54 0.29
N THR A 8 -2.36 2.10 1.51
CA THR A 8 -1.11 2.75 1.92
C THR A 8 0.04 1.74 2.00
N LEU A 9 -0.23 0.57 2.56
CA LEU A 9 0.79 -0.48 2.66
C LEU A 9 1.23 -0.93 1.27
N GLN A 10 0.24 -1.19 0.42
CA GLN A 10 0.48 -1.61 -0.96
C GLN A 10 1.29 -0.56 -1.72
N GLU A 11 0.97 0.71 -1.50
CA GLU A 11 1.67 1.81 -2.16
C GLU A 11 3.14 1.84 -1.72
N LEU A 12 3.38 1.74 -0.42
CA LEU A 12 4.74 1.73 0.12
C LEU A 12 5.54 0.56 -0.46
N LEU A 13 4.93 -0.62 -0.44
CA LEU A 13 5.58 -1.82 -0.99
C LEU A 13 5.80 -1.66 -2.49
N GLY A 14 4.82 -1.06 -3.16
CA GLY A 14 4.90 -0.83 -4.60
C GLY A 14 6.05 0.09 -4.97
N GLU A 15 6.19 1.20 -4.25
CA GLU A 15 7.29 2.13 -4.51
C GLU A 15 8.64 1.47 -4.21
N GLU A 16 8.69 0.72 -3.10
CA GLU A 16 9.91 0.02 -2.72
C GLU A 16 10.29 -1.03 -3.77
N ARG A 17 9.30 -1.77 -4.25
CA ARG A 17 9.54 -2.80 -5.26
C ARG A 17 9.17 -2.33 -6.67
N ARG A 18 9.69 -1.17 -7.07
CA ARG A 18 9.42 -0.61 -8.40
C ARG A 18 10.23 -1.33 -9.49
N ILE A 1 -15.01 2.75 6.38
CA ILE A 1 -13.83 1.88 6.11
C ILE A 1 -12.66 2.71 5.54
N PRO A 2 -11.43 2.49 6.05
CA PRO A 2 -10.23 3.22 5.59
C PRO A 2 -9.80 2.85 4.16
N GLU A 3 -10.56 3.32 3.16
CA GLU A 3 -10.29 3.05 1.76
C GLU A 3 -9.03 3.78 1.27
N SER A 4 -7.91 3.56 1.95
CA SER A 4 -6.64 4.19 1.60
C SER A 4 -5.46 3.43 2.21
N SER A 5 -5.62 2.99 3.45
CA SER A 5 -4.57 2.23 4.16
C SER A 5 -4.20 0.97 3.39
N GLU A 6 -5.21 0.27 2.90
CA GLU A 6 -5.02 -0.96 2.14
C GLU A 6 -4.17 -0.69 0.90
N LEU A 7 -4.55 0.35 0.16
CA LEU A 7 -3.83 0.76 -1.04
C LEU A 7 -2.40 1.15 -0.68
N THR A 8 -2.26 1.94 0.39
CA THR A 8 -0.94 2.38 0.85
C THR A 8 -0.08 1.18 1.25
N LEU A 9 -0.66 0.26 2.02
CA LEU A 9 0.03 -0.95 2.47
C LEU A 9 0.48 -1.77 1.26
N GLN A 10 -0.43 -1.94 0.30
CA GLN A 10 -0.14 -2.67 -0.92
C GLN A 10 0.99 -1.99 -1.69
N GLU A 11 0.96 -0.65 -1.70
CA GLU A 11 1.99 0.15 -2.35
C GLU A 11 3.31 0.03 -1.59
N LEU A 12 3.22 0.15 -0.26
CA LEU A 12 4.40 0.03 0.61
C LEU A 12 5.09 -1.32 0.39
N LEU A 13 4.32 -2.40 0.38
CA LEU A 13 4.87 -3.73 0.15
C LEU A 13 4.95 -4.05 -1.35
N GLY A 14 5.34 -3.04 -2.11
CA GLY A 14 5.47 -3.21 -3.55
C GLY A 14 6.51 -2.29 -4.16
N GLU A 15 6.42 -0.98 -3.89
CA GLU A 15 7.38 -0.01 -4.42
C GLU A 15 8.81 -0.29 -3.93
N GLU A 16 8.96 -0.49 -2.62
CA GLU A 16 10.27 -0.79 -2.03
C GLU A 16 10.61 -2.27 -2.21
N ARG A 17 10.02 -2.91 -3.22
CA ARG A 17 10.25 -4.32 -3.51
C ARG A 17 10.23 -4.58 -5.01
N ARG A 18 10.60 -3.58 -5.80
CA ARG A 18 10.61 -3.73 -7.26
C ARG A 18 11.91 -3.21 -7.88
N ILE A 1 -12.11 5.88 7.09
CA ILE A 1 -10.83 5.39 7.67
C ILE A 1 -9.68 5.59 6.68
N PRO A 2 -8.43 5.23 7.03
CA PRO A 2 -7.29 5.39 6.12
C PRO A 2 -7.31 4.38 4.94
N GLU A 3 -8.43 4.35 4.20
CA GLU A 3 -8.60 3.44 3.07
C GLU A 3 -7.50 3.61 2.03
N SER A 4 -7.36 4.82 1.53
CA SER A 4 -6.34 5.14 0.51
C SER A 4 -4.93 4.94 1.05
N SER A 5 -4.72 5.33 2.30
CA SER A 5 -3.40 5.19 2.95
C SER A 5 -3.00 3.73 3.09
N GLU A 6 -3.89 2.91 3.65
CA GLU A 6 -3.60 1.49 3.82
C GLU A 6 -3.31 0.84 2.47
N LEU A 7 -4.15 1.15 1.49
CA LEU A 7 -3.98 0.61 0.14
C LEU A 7 -2.68 1.12 -0.51
N THR A 8 -2.38 2.42 -0.39
CA THR A 8 -1.16 2.94 -0.99
C THR A 8 0.09 2.41 -0.27
N LEU A 9 0.07 2.41 1.06
CA LEU A 9 1.20 1.93 1.84
C LEU A 9 1.49 0.44 1.54
N GLN A 10 0.47 -0.40 1.60
CA GLN A 10 0.63 -1.83 1.35
C GLN A 10 1.15 -2.11 -0.06
N GLU A 11 0.61 -1.41 -1.05
CA GLU A 11 1.04 -1.60 -2.44
C GLU A 11 2.48 -1.13 -2.68
N LEU A 12 2.86 -0.03 -2.03
CA LEU A 12 4.24 0.46 -2.17
C LEU A 12 5.21 -0.62 -1.72
N LEU A 13 4.91 -1.21 -0.56
CA LEU A 13 5.71 -2.31 -0.02
C LEU A 13 5.26 -3.64 -0.64
N GLY A 14 5.09 -3.60 -1.96
CA GLY A 14 4.66 -4.77 -2.72
C GLY A 14 5.13 -4.69 -4.15
N GLU A 15 4.82 -3.57 -4.83
CA GLU A 15 5.24 -3.37 -6.22
C GLU A 15 6.75 -3.58 -6.36
N GLU A 16 7.51 -2.82 -5.58
CA GLU A 16 8.96 -2.93 -5.59
C GLU A 16 9.43 -4.03 -4.63
N ARG A 17 8.73 -5.16 -4.63
CA ARG A 17 9.09 -6.26 -3.74
C ARG A 17 8.67 -7.63 -4.30
N ARG A 18 7.44 -7.76 -4.77
CA ARG A 18 6.93 -9.04 -5.30
C ARG A 18 7.57 -9.40 -6.65
N ILE A 1 -13.40 2.20 6.66
CA ILE A 1 -11.97 1.81 6.60
C ILE A 1 -11.14 2.92 5.99
N PRO A 2 -10.05 3.34 6.67
CA PRO A 2 -9.18 4.42 6.17
C PRO A 2 -8.46 4.03 4.87
N GLU A 3 -8.53 4.91 3.87
CA GLU A 3 -7.91 4.68 2.56
C GLU A 3 -6.42 4.32 2.69
N SER A 4 -5.78 4.92 3.69
CA SER A 4 -4.35 4.70 3.95
C SER A 4 -4.02 3.21 4.08
N SER A 5 -4.97 2.40 4.53
CA SER A 5 -4.76 0.96 4.67
C SER A 5 -4.45 0.31 3.32
N GLU A 6 -5.39 0.39 2.41
CA GLU A 6 -5.23 -0.18 1.08
C GLU A 6 -4.07 0.50 0.36
N LEU A 7 -3.95 1.81 0.58
CA LEU A 7 -2.87 2.58 -0.01
C LEU A 7 -1.50 2.11 0.49
N THR A 8 -1.36 1.86 1.80
CA THR A 8 -0.08 1.39 2.35
C THR A 8 0.27 -0.02 1.86
N LEU A 9 -0.70 -0.93 1.86
CA LEU A 9 -0.47 -2.30 1.40
C LEU A 9 -0.07 -2.30 -0.07
N GLN A 10 -0.85 -1.58 -0.87
CA GLN A 10 -0.60 -1.45 -2.30
C GLN A 10 0.75 -0.77 -2.54
N GLU A 11 1.10 0.17 -1.66
CA GLU A 11 2.36 0.88 -1.75
C GLU A 11 3.53 -0.07 -1.47
N LEU A 12 3.43 -0.82 -0.38
CA LEU A 12 4.45 -1.79 -0.01
C LEU A 12 4.56 -2.87 -1.09
N LEU A 13 3.44 -3.48 -1.43
CA LEU A 13 3.41 -4.52 -2.46
C LEU A 13 3.23 -3.94 -3.86
N GLY A 14 3.92 -2.84 -4.13
CA GLY A 14 3.83 -2.20 -5.43
C GLY A 14 5.10 -1.45 -5.83
N GLU A 15 5.54 -0.54 -4.97
CA GLU A 15 6.75 0.25 -5.24
C GLU A 15 7.87 -0.06 -4.24
N GLU A 16 7.52 -0.37 -2.99
CA GLU A 16 8.52 -0.69 -1.96
C GLU A 16 9.40 -1.86 -2.44
N ARG A 17 8.75 -2.93 -2.92
CA ARG A 17 9.48 -4.08 -3.43
C ARG A 17 9.37 -4.14 -4.96
N ARG A 18 9.54 -3.00 -5.60
CA ARG A 18 9.45 -2.89 -7.06
C ARG A 18 10.67 -3.51 -7.76
N ILE A 1 -12.95 0.16 7.66
CA ILE A 1 -11.54 -0.19 7.34
C ILE A 1 -10.82 1.00 6.70
N PRO A 2 -9.59 1.32 7.16
CA PRO A 2 -8.80 2.45 6.63
C PRO A 2 -8.27 2.21 5.21
N GLU A 3 -9.19 1.97 4.28
CA GLU A 3 -8.85 1.71 2.87
C GLU A 3 -8.32 2.96 2.15
N SER A 4 -7.23 3.51 2.66
CA SER A 4 -6.61 4.70 2.09
C SER A 4 -5.13 4.77 2.44
N SER A 5 -4.82 4.84 3.72
CA SER A 5 -3.42 4.89 4.18
C SER A 5 -2.77 3.53 4.04
N GLU A 6 -3.40 2.51 4.63
CA GLU A 6 -2.90 1.15 4.56
C GLU A 6 -2.89 0.68 3.11
N LEU A 7 -3.91 1.09 2.37
CA LEU A 7 -4.02 0.74 0.95
C LEU A 7 -2.82 1.31 0.19
N THR A 8 -2.49 2.58 0.43
CA THR A 8 -1.34 3.21 -0.23
C THR A 8 -0.05 2.53 0.22
N LEU A 9 0.07 2.25 1.52
CA LEU A 9 1.25 1.57 2.06
C LEU A 9 1.43 0.22 1.36
N GLN A 10 0.34 -0.53 1.29
CA GLN A 10 0.33 -1.84 0.62
C GLN A 10 0.74 -1.68 -0.85
N GLU A 11 0.21 -0.63 -1.47
CA GLU A 11 0.50 -0.31 -2.87
C GLU A 11 1.97 0.09 -3.04
N LEU A 12 2.45 1.00 -2.18
CA LEU A 12 3.85 1.43 -2.24
C LEU A 12 4.77 0.23 -2.08
N LEU A 13 4.52 -0.56 -1.04
CA LEU A 13 5.29 -1.77 -0.78
C LEU A 13 5.19 -2.72 -1.99
N GLY A 14 4.03 -2.72 -2.64
CA GLY A 14 3.81 -3.54 -3.82
C GLY A 14 4.72 -3.12 -4.96
N GLU A 15 4.79 -1.81 -5.23
CA GLU A 15 5.65 -1.30 -6.29
C GLU A 15 7.13 -1.52 -5.92
N GLU A 16 7.45 -1.30 -4.65
CA GLU A 16 8.81 -1.49 -4.15
C GLU A 16 9.26 -2.93 -4.33
N ARG A 17 8.34 -3.88 -4.14
CA ARG A 17 8.65 -5.30 -4.27
C ARG A 17 8.70 -5.78 -5.73
N ARG A 18 9.31 -4.98 -6.61
CA ARG A 18 9.44 -5.35 -8.03
C ARG A 18 10.34 -6.58 -8.22
N ILE A 1 -13.42 8.22 6.98
CA ILE A 1 -12.03 7.99 7.45
C ILE A 1 -11.15 7.48 6.30
N PRO A 2 -9.98 8.10 6.07
CA PRO A 2 -9.05 7.72 4.99
C PRO A 2 -8.36 6.38 5.24
N GLU A 3 -9.14 5.31 5.34
CA GLU A 3 -8.61 3.96 5.59
C GLU A 3 -7.93 3.36 4.34
N SER A 4 -7.02 4.12 3.74
CA SER A 4 -6.31 3.66 2.55
C SER A 4 -5.00 2.97 2.94
N SER A 5 -4.89 2.58 4.21
CA SER A 5 -3.69 1.91 4.73
C SER A 5 -3.42 0.60 3.99
N GLU A 6 -4.48 -0.17 3.76
CA GLU A 6 -4.37 -1.44 3.04
C GLU A 6 -3.82 -1.20 1.64
N LEU A 7 -4.37 -0.17 0.99
CA LEU A 7 -3.95 0.21 -0.35
C LEU A 7 -2.48 0.64 -0.36
N THR A 8 -2.12 1.52 0.57
CA THR A 8 -0.74 2.00 0.66
C THR A 8 0.22 0.87 0.99
N LEU A 9 -0.17 0.01 1.94
CA LEU A 9 0.66 -1.13 2.34
C LEU A 9 0.89 -2.08 1.15
N GLN A 10 -0.20 -2.42 0.49
CA GLN A 10 -0.16 -3.31 -0.68
C GLN A 10 0.73 -2.71 -1.79
N GLU A 11 0.63 -1.39 -1.97
CA GLU A 11 1.41 -0.67 -2.96
C GLU A 11 2.90 -0.62 -2.60
N LEU A 12 3.20 -0.18 -1.37
CA LEU A 12 4.59 -0.11 -0.90
C LEU A 12 5.26 -1.47 -0.96
N LEU A 13 4.57 -2.50 -0.47
CA LEU A 13 5.10 -3.86 -0.49
C LEU A 13 4.79 -4.55 -1.81
N GLY A 14 4.87 -3.81 -2.89
CA GLY A 14 4.60 -4.36 -4.20
C GLY A 14 5.42 -3.70 -5.31
N GLU A 15 5.25 -2.39 -5.48
CA GLU A 15 5.96 -1.65 -6.54
C GLU A 15 7.47 -1.53 -6.25
N GLU A 16 7.84 -1.12 -5.05
CA GLU A 16 9.25 -1.00 -4.69
C GLU A 16 9.85 -2.38 -4.41
N ARG A 17 8.99 -3.31 -4.04
CA ARG A 17 9.37 -4.68 -3.72
C ARG A 17 9.80 -5.45 -4.98
N ARG A 18 9.04 -5.31 -6.06
CA ARG A 18 9.34 -5.99 -7.33
C ARG A 18 10.56 -5.39 -8.04
N ILE A 1 -12.23 2.35 7.52
CA ILE A 1 -11.01 2.82 6.82
C ILE A 1 -11.23 2.86 5.30
N PRO A 2 -10.82 3.96 4.64
CA PRO A 2 -10.99 4.11 3.18
C PRO A 2 -10.30 3.00 2.38
N GLU A 3 -10.98 2.50 1.34
CA GLU A 3 -10.45 1.43 0.49
C GLU A 3 -9.07 1.78 -0.07
N SER A 4 -8.93 3.02 -0.52
CA SER A 4 -7.67 3.50 -1.10
C SER A 4 -6.50 3.45 -0.11
N SER A 5 -6.79 3.67 1.17
CA SER A 5 -5.74 3.64 2.21
C SER A 5 -5.04 2.28 2.26
N GLU A 6 -5.81 1.20 2.36
CA GLU A 6 -5.24 -0.15 2.39
C GLU A 6 -4.50 -0.45 1.09
N LEU A 7 -5.08 0.00 -0.02
CA LEU A 7 -4.47 -0.20 -1.33
C LEU A 7 -3.13 0.53 -1.42
N THR A 8 -3.05 1.73 -0.84
CA THR A 8 -1.80 2.50 -0.84
C THR A 8 -0.74 1.79 -0.01
N LEU A 9 -1.18 1.20 1.11
CA LEU A 9 -0.30 0.48 2.02
C LEU A 9 0.46 -0.64 1.30
N GLN A 10 -0.24 -1.36 0.43
CA GLN A 10 0.39 -2.45 -0.33
C GLN A 10 1.53 -1.92 -1.19
N GLU A 11 1.32 -0.77 -1.83
CA GLU A 11 2.35 -0.15 -2.65
C GLU A 11 3.49 0.38 -1.78
N LEU A 12 3.15 1.13 -0.73
CA LEU A 12 4.15 1.68 0.18
C LEU A 12 4.98 0.57 0.83
N LEU A 13 4.30 -0.41 1.41
CA LEU A 13 4.98 -1.53 2.07
C LEU A 13 5.08 -2.74 1.13
N GLY A 14 5.48 -2.50 -0.11
CA GLY A 14 5.59 -3.58 -1.07
C GLY A 14 6.43 -3.22 -2.30
N GLU A 15 6.07 -2.13 -2.98
CA GLU A 15 6.80 -1.70 -4.17
C GLU A 15 8.17 -1.11 -3.80
N GLU A 16 8.20 -0.34 -2.72
CA GLU A 16 9.46 0.26 -2.24
C GLU A 16 10.38 -0.81 -1.63
N ARG A 17 9.93 -2.06 -1.70
CA ARG A 17 10.69 -3.19 -1.17
C ARG A 17 10.57 -4.42 -2.09
N ARG A 18 10.34 -4.18 -3.38
CA ARG A 18 10.21 -5.28 -4.35
C ARG A 18 11.55 -5.97 -4.61
N ILE A 1 -12.41 6.94 -0.98
CA ILE A 1 -12.58 5.83 0.00
C ILE A 1 -11.38 5.77 0.96
N PRO A 2 -11.64 5.86 2.28
CA PRO A 2 -10.58 5.82 3.31
C PRO A 2 -9.98 4.43 3.52
N GLU A 3 -9.40 3.86 2.47
CA GLU A 3 -8.79 2.53 2.54
C GLU A 3 -7.66 2.49 3.58
N SER A 4 -6.85 3.54 3.61
CA SER A 4 -5.73 3.71 4.55
C SER A 4 -4.77 2.51 4.56
N SER A 5 -5.08 1.50 5.39
CA SER A 5 -4.25 0.32 5.52
C SER A 5 -4.03 -0.37 4.16
N GLU A 6 -5.12 -0.54 3.41
CA GLU A 6 -5.05 -1.18 2.09
C GLU A 6 -4.09 -0.41 1.16
N LEU A 7 -4.20 0.92 1.18
CA LEU A 7 -3.35 1.78 0.36
C LEU A 7 -1.88 1.64 0.79
N THR A 8 -1.64 1.67 2.10
CA THR A 8 -0.28 1.54 2.62
C THR A 8 0.30 0.17 2.31
N LEU A 9 -0.51 -0.86 2.54
CA LEU A 9 -0.11 -2.25 2.27
C LEU A 9 0.33 -2.42 0.81
N GLN A 10 -0.48 -1.88 -0.09
CA GLN A 10 -0.20 -1.95 -1.53
C GLN A 10 1.17 -1.32 -1.86
N GLU A 11 1.47 -0.19 -1.23
CA GLU A 11 2.74 0.50 -1.47
C GLU A 11 3.89 -0.25 -0.79
N LEU A 12 3.72 -0.60 0.48
CA LEU A 12 4.76 -1.32 1.22
C LEU A 12 5.09 -2.67 0.56
N LEU A 13 4.05 -3.42 0.23
CA LEU A 13 4.23 -4.73 -0.41
C LEU A 13 4.14 -4.62 -1.93
N GLY A 14 4.76 -3.58 -2.47
CA GLY A 14 4.76 -3.35 -3.90
C GLY A 14 5.96 -2.52 -4.34
N GLU A 15 5.74 -1.21 -4.46
CA GLU A 15 6.81 -0.29 -4.88
C GLU A 15 7.93 -0.22 -3.84
N GLU A 16 7.59 -0.38 -2.57
CA GLU A 16 8.59 -0.37 -1.51
C GLU A 16 9.21 -1.76 -1.32
N ARG A 17 8.43 -2.79 -1.59
CA ARG A 17 8.90 -4.18 -1.48
C ARG A 17 9.92 -4.48 -2.57
N ARG A 18 9.55 -4.17 -3.83
CA ARG A 18 10.43 -4.37 -4.99
C ARG A 18 10.90 -5.82 -5.14
N ILE A 1 -13.07 6.10 5.56
CA ILE A 1 -12.36 5.04 6.33
C ILE A 1 -10.85 5.22 6.21
N PRO A 2 -10.07 4.99 7.30
CA PRO A 2 -8.60 5.14 7.29
C PRO A 2 -7.91 4.08 6.41
N GLU A 3 -8.34 3.99 5.15
CA GLU A 3 -7.81 3.04 4.18
C GLU A 3 -6.36 3.36 3.79
N SER A 4 -5.83 4.47 4.30
CA SER A 4 -4.45 4.88 4.01
C SER A 4 -3.46 3.77 4.36
N SER A 5 -3.74 3.03 5.44
CA SER A 5 -2.88 1.92 5.85
C SER A 5 -2.86 0.84 4.78
N GLU A 6 -4.04 0.51 4.25
CA GLU A 6 -4.16 -0.48 3.19
C GLU A 6 -3.47 0.04 1.93
N LEU A 7 -3.76 1.30 1.61
CA LEU A 7 -3.18 1.96 0.44
C LEU A 7 -1.64 2.02 0.52
N THR A 8 -1.11 2.39 1.68
CA THR A 8 0.34 2.46 1.85
C THR A 8 0.97 1.07 1.72
N LEU A 9 0.34 0.07 2.34
CA LEU A 9 0.83 -1.30 2.24
C LEU A 9 0.74 -1.79 0.79
N GLN A 10 -0.40 -1.52 0.16
CA GLN A 10 -0.66 -1.89 -1.23
C GLN A 10 0.37 -1.27 -2.17
N GLU A 11 0.65 0.02 -1.98
CA GLU A 11 1.63 0.74 -2.80
C GLU A 11 3.02 0.16 -2.59
N LEU A 12 3.38 -0.08 -1.32
CA LEU A 12 4.66 -0.65 -0.95
C LEU A 12 4.86 -2.03 -1.59
N LEU A 13 3.86 -2.89 -1.44
CA LEU A 13 3.93 -4.25 -1.99
C LEU A 13 3.96 -4.27 -3.53
N GLY A 14 3.12 -3.46 -4.15
CA GLY A 14 3.03 -3.45 -5.60
C GLY A 14 4.15 -2.73 -6.36
N GLU A 15 4.34 -1.44 -6.11
CA GLU A 15 5.36 -0.67 -6.84
C GLU A 15 6.73 -0.61 -6.14
N GLU A 16 6.72 -0.31 -4.84
CA GLU A 16 7.98 -0.20 -4.09
C GLU A 16 8.72 -1.54 -4.03
N ARG A 17 8.00 -2.61 -3.70
CA ARG A 17 8.61 -3.94 -3.60
C ARG A 17 8.65 -4.68 -4.95
N ARG A 18 7.48 -4.81 -5.60
CA ARG A 18 7.35 -5.50 -6.90
C ARG A 18 7.61 -7.01 -6.80
N ILE A 1 -14.16 3.11 2.86
CA ILE A 1 -13.74 2.34 4.07
C ILE A 1 -12.24 2.38 4.23
N PRO A 2 -11.74 2.43 5.49
CA PRO A 2 -10.32 2.48 5.86
C PRO A 2 -9.32 2.10 4.76
N GLU A 3 -9.12 3.04 3.83
CA GLU A 3 -8.21 2.85 2.70
C GLU A 3 -6.76 2.81 3.17
N SER A 4 -6.53 3.29 4.39
CA SER A 4 -5.19 3.34 4.99
C SER A 4 -4.41 2.03 4.85
N SER A 5 -5.07 0.91 5.17
CA SER A 5 -4.42 -0.41 5.07
C SER A 5 -4.10 -0.77 3.62
N GLU A 6 -5.04 -0.53 2.71
CA GLU A 6 -4.83 -0.83 1.30
C GLU A 6 -3.76 0.08 0.71
N LEU A 7 -3.84 1.37 1.03
CA LEU A 7 -2.87 2.34 0.56
C LEU A 7 -1.47 2.02 1.07
N THR A 8 -1.35 1.65 2.34
CA THR A 8 -0.05 1.29 2.90
C THR A 8 0.46 -0.01 2.28
N LEU A 9 -0.42 -1.00 2.20
CA LEU A 9 -0.07 -2.29 1.61
C LEU A 9 0.36 -2.12 0.14
N GLN A 10 -0.45 -1.41 -0.65
CA GLN A 10 -0.13 -1.17 -2.05
C GLN A 10 1.19 -0.41 -2.19
N GLU A 11 1.41 0.56 -1.31
CA GLU A 11 2.64 1.36 -1.32
C GLU A 11 3.86 0.49 -1.03
N LEU A 12 3.78 -0.35 0.00
CA LEU A 12 4.88 -1.24 0.35
C LEU A 12 5.20 -2.18 -0.82
N LEU A 13 4.16 -2.80 -1.37
CA LEU A 13 4.33 -3.70 -2.51
C LEU A 13 4.37 -2.94 -3.85
N GLY A 14 5.07 -1.81 -3.84
CA GLY A 14 5.20 -1.00 -5.04
C GLY A 14 6.41 -0.08 -4.95
N GLU A 15 6.51 0.68 -3.85
CA GLU A 15 7.63 1.61 -3.64
C GLU A 15 8.91 0.85 -3.26
N GLU A 16 8.79 -0.03 -2.28
CA GLU A 16 9.94 -0.82 -1.83
C GLU A 16 10.25 -1.92 -2.85
N ARG A 17 9.20 -2.55 -3.37
CA ARG A 17 9.33 -3.63 -4.38
C ARG A 17 9.48 -3.08 -5.82
N ARG A 18 10.31 -2.06 -6.02
CA ARG A 18 10.53 -1.50 -7.37
C ARG A 18 11.50 -2.35 -8.21
#